data_5MTT
#
_entry.id   5MTT
#
_cell.length_a   53.494
_cell.length_b   83.079
_cell.length_c   85.036
_cell.angle_alpha   90.00
_cell.angle_beta   90.00
_cell.angle_gamma   90.00
#
_symmetry.space_group_name_H-M   'P 21 21 21'
#
loop_
_entity.id
_entity.type
_entity.pdbx_description
1 polymer MalE1
2 branched alpha-D-glucopyranose-(1-4)-alpha-D-glucopyranose-(1-4)-alpha-D-glucopyranose-(1-4)-alpha-D-glucopyranose
3 non-polymer alpha-D-glucopyranose
4 non-polymer 1,2-ETHANEDIOL
5 non-polymer 'CHLORIDE ION'
6 water water
#
_entity_poly.entity_id   1
_entity_poly.type   'polypeptide(L)'
_entity_poly.pdbx_seq_one_letter_code
;GSHMKNVSGSVKLWVDTTQVPYYKKIVANFNKKYPDVKVKVTQSPNGSANAKTDVGKDPAKAADVFEVANDQLGSMAEAG
YINPLSPDATKAVKNNNVAVASEGVTWKGKMFAYPFAEQAQTIYYNKSKLTADDVKTWDGLTAKGVLATDFTNAYNFYPV
FLSAGTQLYGKTGETVKGTDVNSAKGEQAMAWFAQQKSNKGVMQTSNALNQLKSGKAAAILDGPWNSANIKKILGKNFAV
APYPTIKLDGKDVQMQAFLGIETFAVNSHASGSNQKAAATLASFITNKESQLIVYDHSGQIPVDKTAQKSSKVASDPVAG
AVMTMAKPGNSTLMPKMPQMATFWNDAAPLINGAYTGSIPASQYSTKLDTFVKNISKAN
;
_entity_poly.pdbx_strand_id   A
#
# COMPACT_ATOMS: atom_id res chain seq x y z
N ASN A 6 -23.70 -7.94 -25.92
N ASN A 6 -23.16 -8.58 -25.57
CA ASN A 6 -22.79 -6.83 -26.22
CA ASN A 6 -22.37 -7.39 -25.91
C ASN A 6 -22.62 -5.95 -24.97
C ASN A 6 -22.30 -6.47 -24.68
N VAL A 7 -21.40 -5.47 -24.75
CA VAL A 7 -21.13 -4.58 -23.63
C VAL A 7 -21.17 -3.16 -24.15
N SER A 8 -21.96 -2.32 -23.49
CA SER A 8 -22.07 -0.94 -23.91
C SER A 8 -22.34 -0.08 -22.69
N GLY A 9 -22.12 1.20 -22.84
CA GLY A 9 -22.40 2.13 -21.77
C GLY A 9 -21.36 3.22 -21.70
N SER A 10 -21.45 4.02 -20.64
CA SER A 10 -20.54 5.13 -20.35
C SER A 10 -20.06 4.99 -18.91
N VAL A 11 -18.74 5.06 -18.72
N VAL A 11 -18.76 5.14 -18.68
CA VAL A 11 -18.07 4.77 -17.46
CA VAL A 11 -18.25 5.01 -17.31
C VAL A 11 -17.07 5.90 -17.20
C VAL A 11 -17.06 5.94 -17.10
N LYS A 12 -16.97 6.30 -15.94
N LYS A 12 -16.99 6.46 -15.88
CA LYS A 12 -15.92 7.18 -15.46
CA LYS A 12 -15.88 7.27 -15.42
C LYS A 12 -14.92 6.35 -14.65
C LYS A 12 -14.92 6.39 -14.64
N LEU A 13 -13.64 6.53 -14.94
CA LEU A 13 -12.54 5.84 -14.26
C LEU A 13 -11.69 6.86 -13.51
N TRP A 14 -11.46 6.61 -12.22
CA TRP A 14 -10.55 7.42 -11.39
C TRP A 14 -9.25 6.67 -11.14
N VAL A 15 -8.14 7.36 -11.43
CA VAL A 15 -6.80 6.89 -11.14
C VAL A 15 -6.01 8.00 -10.47
N ASP A 16 -4.81 7.66 -10.01
CA ASP A 16 -3.94 8.64 -9.36
C ASP A 16 -3.26 9.54 -10.41
N THR A 17 -2.84 10.72 -9.98
CA THR A 17 -2.43 11.78 -10.91
C THR A 17 -1.51 11.33 -12.07
N THR A 18 -0.37 10.80 -11.75
CA THR A 18 0.60 10.51 -12.81
C THR A 18 0.28 9.22 -13.57
N GLN A 19 -0.77 8.51 -13.17
CA GLN A 19 -1.16 7.30 -13.87
C GLN A 19 -2.04 7.55 -15.08
N VAL A 20 -2.63 8.73 -15.20
CA VAL A 20 -3.57 8.99 -16.28
C VAL A 20 -3.02 8.64 -17.66
N PRO A 21 -1.82 9.06 -18.04
CA PRO A 21 -1.37 8.79 -19.43
C PRO A 21 -1.38 7.33 -19.78
N TYR A 22 -0.93 6.45 -18.89
CA TYR A 22 -0.88 5.03 -19.27
C TYR A 22 -2.20 4.33 -19.05
N TYR A 23 -3.07 4.82 -18.15
CA TYR A 23 -4.43 4.27 -18.17
C TYR A 23 -5.19 4.68 -19.43
N LYS A 24 -4.88 5.82 -20.04
CA LYS A 24 -5.48 6.09 -21.35
C LYS A 24 -5.03 5.07 -22.38
N LYS A 25 -3.76 4.64 -22.33
CA LYS A 25 -3.29 3.59 -23.24
C LYS A 25 -4.04 2.28 -22.99
N ILE A 26 -4.18 1.91 -21.72
CA ILE A 26 -4.92 0.70 -21.36
C ILE A 26 -6.36 0.78 -21.84
N VAL A 27 -6.98 1.94 -21.69
CA VAL A 27 -8.37 2.13 -22.13
C VAL A 27 -8.46 2.05 -23.65
N ALA A 28 -7.45 2.54 -24.38
CA ALA A 28 -7.46 2.33 -25.83
C ALA A 28 -7.41 0.85 -26.16
N ASN A 29 -6.62 0.07 -25.42
CA ASN A 29 -6.64 -1.38 -25.63
C ASN A 29 -8.01 -1.96 -25.31
N PHE A 30 -8.62 -1.53 -24.21
CA PHE A 30 -9.96 -1.96 -23.86
C PHE A 30 -10.93 -1.70 -24.99
N ASN A 31 -10.88 -0.50 -25.57
CA ASN A 31 -11.83 -0.13 -26.61
C ASN A 31 -11.60 -0.88 -27.92
N LYS A 32 -10.43 -1.49 -28.16
CA LYS A 32 -10.29 -2.37 -29.32
C LYS A 32 -11.23 -3.56 -29.19
N LYS A 33 -11.41 -4.07 -27.98
CA LYS A 33 -12.26 -5.20 -27.70
C LYS A 33 -13.70 -4.78 -27.41
N TYR A 34 -13.89 -3.62 -26.80
CA TYR A 34 -15.20 -3.12 -26.37
C TYR A 34 -15.39 -1.71 -26.92
N PRO A 35 -15.63 -1.61 -28.24
CA PRO A 35 -15.72 -0.27 -28.86
C PRO A 35 -16.92 0.56 -28.43
N ASP A 36 -17.94 -0.07 -27.85
CA ASP A 36 -19.19 0.62 -27.51
C ASP A 36 -19.24 1.07 -26.05
N VAL A 37 -18.12 1.03 -25.35
CA VAL A 37 -18.06 1.57 -24.00
C VAL A 37 -17.28 2.88 -24.05
N LYS A 38 -17.95 3.97 -23.66
CA LYS A 38 -17.32 5.28 -23.58
C LYS A 38 -16.72 5.44 -22.19
N VAL A 39 -15.41 5.56 -22.13
CA VAL A 39 -14.70 5.70 -20.85
C VAL A 39 -14.10 7.09 -20.76
N LYS A 40 -14.32 7.73 -19.62
N LYS A 40 -14.34 7.75 -19.64
CA LYS A 40 -13.66 8.99 -19.29
CA LYS A 40 -13.66 8.98 -19.30
C LYS A 40 -12.67 8.75 -18.16
C LYS A 40 -12.67 8.70 -18.19
N VAL A 41 -11.40 8.97 -18.43
CA VAL A 41 -10.33 8.73 -17.46
C VAL A 41 -9.95 10.07 -16.84
N THR A 42 -10.06 10.19 -15.52
CA THR A 42 -9.59 11.40 -14.85
C THR A 42 -8.82 10.99 -13.61
N GLN A 43 -8.11 11.96 -13.03
CA GLN A 43 -7.60 11.74 -11.69
C GLN A 43 -8.78 11.76 -10.72
N SER A 44 -8.62 11.10 -9.58
CA SER A 44 -9.58 11.23 -8.50
C SER A 44 -9.33 12.51 -7.72
N PRO A 45 -10.30 12.91 -6.88
CA PRO A 45 -10.09 14.14 -6.07
C PRO A 45 -8.85 14.07 -5.19
N ASN A 46 -8.63 12.95 -4.48
CA ASN A 46 -7.54 12.84 -3.52
C ASN A 46 -6.77 11.53 -3.60
N GLY A 47 -7.02 10.70 -4.60
CA GLY A 47 -6.19 9.53 -4.83
C GLY A 47 -6.67 8.26 -4.14
N SER A 48 -6.03 7.16 -4.53
CA SER A 48 -6.38 5.81 -4.10
C SER A 48 -6.24 5.61 -2.60
N ALA A 49 -5.33 6.36 -1.95
CA ALA A 49 -5.18 6.27 -0.52
C ALA A 49 -6.30 6.97 0.23
N ASN A 50 -7.20 7.63 -0.51
CA ASN A 50 -8.31 8.39 0.04
C ASN A 50 -9.64 8.03 -0.63
N ALA A 51 -9.73 6.86 -1.27
CA ALA A 51 -10.96 6.52 -1.99
C ALA A 51 -12.15 6.43 -1.04
N LYS A 52 -11.95 5.86 0.15
N LYS A 52 -11.96 5.93 0.17
CA LYS A 52 -12.97 5.78 1.20
CA LYS A 52 -13.07 5.77 1.09
C LYS A 52 -13.75 7.08 1.34
C LYS A 52 -13.79 7.10 1.33
N THR A 53 -13.03 8.18 1.50
CA THR A 53 -13.66 9.46 1.74
C THR A 53 -14.04 10.18 0.45
N ASP A 54 -13.28 10.01 -0.65
CA ASP A 54 -13.71 10.57 -1.93
C ASP A 54 -15.05 10.01 -2.37
N VAL A 55 -15.23 8.70 -2.26
CA VAL A 55 -16.49 8.07 -2.63
C VAL A 55 -17.55 8.35 -1.57
N GLY A 56 -17.19 8.23 -0.28
CA GLY A 56 -18.16 8.38 0.78
C GLY A 56 -18.77 9.77 0.88
N LYS A 57 -18.07 10.80 0.41
CA LYS A 57 -18.63 12.14 0.43
C LYS A 57 -19.94 12.20 -0.35
N ASP A 58 -20.03 11.47 -1.46
CA ASP A 58 -21.24 11.42 -2.27
C ASP A 58 -21.10 10.26 -3.25
N PRO A 59 -21.52 9.06 -2.86
CA PRO A 59 -21.22 7.91 -3.72
C PRO A 59 -21.83 8.02 -5.11
N ALA A 60 -23.00 8.64 -5.23
CA ALA A 60 -23.64 8.73 -6.53
C ALA A 60 -22.91 9.66 -7.49
N LYS A 61 -22.04 10.53 -7.00
CA LYS A 61 -21.30 11.43 -7.88
C LYS A 61 -19.87 10.96 -8.13
N ALA A 62 -19.44 9.88 -7.49
CA ALA A 62 -18.10 9.37 -7.66
C ALA A 62 -17.98 8.55 -8.96
N ALA A 63 -16.74 8.27 -9.35
CA ALA A 63 -16.49 7.45 -10.53
C ALA A 63 -17.14 6.07 -10.42
N ASP A 64 -17.43 5.49 -11.60
CA ASP A 64 -17.97 4.13 -11.66
C ASP A 64 -16.92 3.08 -11.33
N VAL A 65 -15.66 3.33 -11.67
CA VAL A 65 -14.56 2.44 -11.36
C VAL A 65 -13.47 3.31 -10.75
N PHE A 66 -12.92 2.91 -9.62
CA PHE A 66 -11.97 3.76 -8.92
C PHE A 66 -10.88 2.94 -8.26
N GLU A 67 -9.68 3.51 -8.23
CA GLU A 67 -8.54 2.86 -7.60
C GLU A 67 -8.63 2.97 -6.08
N VAL A 68 -8.31 1.88 -5.39
CA VAL A 68 -8.46 1.85 -3.93
C VAL A 68 -7.53 0.78 -3.37
N ALA A 69 -6.86 1.13 -2.28
CA ALA A 69 -6.01 0.19 -1.57
C ALA A 69 -6.85 -0.79 -0.73
N ASN A 70 -6.32 -2.01 -0.54
CA ASN A 70 -7.16 -3.08 0.01
C ASN A 70 -7.67 -2.82 1.43
N ASP A 71 -6.96 -2.02 2.23
CA ASP A 71 -7.37 -1.78 3.60
C ASP A 71 -8.72 -1.10 3.70
N GLN A 72 -9.13 -0.36 2.66
CA GLN A 72 -10.38 0.40 2.70
C GLN A 72 -11.60 -0.45 2.38
N LEU A 73 -11.41 -1.71 1.97
CA LEU A 73 -12.51 -2.46 1.37
C LEU A 73 -13.58 -2.88 2.38
N GLY A 74 -13.20 -3.26 3.60
CA GLY A 74 -14.21 -3.67 4.56
C GLY A 74 -15.16 -2.54 4.89
N SER A 75 -14.62 -1.34 5.13
CA SER A 75 -15.48 -0.20 5.39
C SER A 75 -16.42 0.04 4.21
N MET A 76 -15.89 0.03 2.99
CA MET A 76 -16.71 0.35 1.84
C MET A 76 -17.76 -0.72 1.56
N ALA A 77 -17.40 -1.99 1.80
CA ALA A 77 -18.35 -3.08 1.65
C ALA A 77 -19.47 -2.96 2.68
N GLU A 78 -19.12 -2.70 3.94
CA GLU A 78 -20.15 -2.59 4.97
C GLU A 78 -21.04 -1.38 4.73
N ALA A 79 -20.52 -0.31 4.13
CA ALA A 79 -21.32 0.86 3.84
C ALA A 79 -22.19 0.68 2.60
N GLY A 80 -21.96 -0.36 1.82
CA GLY A 80 -22.73 -0.61 0.63
C GLY A 80 -22.26 0.14 -0.59
N TYR A 81 -21.03 0.68 -0.57
CA TYR A 81 -20.50 1.43 -1.69
C TYR A 81 -19.96 0.57 -2.82
N ILE A 82 -19.67 -0.71 -2.53
CA ILE A 82 -19.16 -1.70 -3.49
C ILE A 82 -19.89 -3.01 -3.21
N ASN A 83 -20.21 -3.73 -4.27
CA ASN A 83 -20.90 -5.02 -4.20
C ASN A 83 -19.91 -6.17 -4.39
N PRO A 84 -20.28 -7.38 -3.97
CA PRO A 84 -19.43 -8.54 -4.24
C PRO A 84 -19.25 -8.78 -5.74
N LEU A 85 -18.07 -9.26 -6.12
CA LEU A 85 -17.83 -9.72 -7.49
C LEU A 85 -18.71 -10.92 -7.80
N SER A 86 -19.05 -11.07 -9.07
CA SER A 86 -19.79 -12.24 -9.53
C SER A 86 -18.96 -13.52 -9.36
N PRO A 87 -19.61 -14.70 -9.46
CA PRO A 87 -18.83 -15.95 -9.46
C PRO A 87 -17.77 -16.02 -10.55
N ASP A 88 -18.10 -15.60 -11.78
CA ASP A 88 -17.11 -15.68 -12.86
C ASP A 88 -15.97 -14.71 -12.61
N ALA A 89 -16.26 -13.51 -12.13
CA ALA A 89 -15.20 -12.55 -11.85
C ALA A 89 -14.30 -13.04 -10.73
N THR A 90 -14.92 -13.61 -9.68
CA THR A 90 -14.16 -14.18 -8.57
C THR A 90 -13.22 -15.27 -9.05
N LYS A 91 -13.72 -16.18 -9.90
CA LYS A 91 -12.89 -17.26 -10.42
C LYS A 91 -11.69 -16.72 -11.19
N ALA A 92 -11.92 -15.70 -12.00
CA ALA A 92 -10.81 -15.13 -12.77
C ALA A 92 -9.78 -14.49 -11.84
N VAL A 93 -10.22 -13.72 -10.85
CA VAL A 93 -9.26 -13.13 -9.92
C VAL A 93 -8.45 -14.22 -9.24
N LYS A 94 -9.14 -15.24 -8.72
CA LYS A 94 -8.47 -16.28 -7.95
C LYS A 94 -7.49 -17.05 -8.81
N ASN A 95 -7.90 -17.41 -10.03
CA ASN A 95 -7.05 -18.25 -10.85
C ASN A 95 -5.86 -17.50 -11.44
N ASN A 96 -6.02 -16.21 -11.75
CA ASN A 96 -4.99 -15.50 -12.49
C ASN A 96 -3.93 -14.85 -11.63
N ASN A 97 -4.22 -14.60 -10.36
CA ASN A 97 -3.37 -13.78 -9.50
C ASN A 97 -2.86 -14.57 -8.31
N VAL A 98 -1.78 -14.07 -7.71
CA VAL A 98 -1.20 -14.71 -6.55
C VAL A 98 -2.17 -14.74 -5.38
N ALA A 99 -1.98 -15.72 -4.49
CA ALA A 99 -2.94 -15.97 -3.43
C ALA A 99 -3.17 -14.73 -2.56
N VAL A 100 -2.11 -13.99 -2.24
CA VAL A 100 -2.29 -12.87 -1.34
C VAL A 100 -3.13 -11.76 -1.97
N ALA A 101 -3.15 -11.68 -3.30
CA ALA A 101 -4.03 -10.71 -3.95
C ALA A 101 -5.49 -11.04 -3.73
N SER A 102 -5.84 -12.33 -3.80
CA SER A 102 -7.19 -12.75 -3.50
C SER A 102 -7.55 -12.50 -2.04
N GLU A 103 -6.62 -12.82 -1.13
CA GLU A 103 -6.86 -12.54 0.28
C GLU A 103 -7.10 -11.05 0.50
N GLY A 104 -6.29 -10.23 -0.17
CA GLY A 104 -6.39 -8.80 -0.01
C GLY A 104 -7.74 -8.22 -0.36
N VAL A 105 -8.47 -8.83 -1.31
CA VAL A 105 -9.75 -8.28 -1.74
C VAL A 105 -10.94 -8.99 -1.14
N THR A 106 -10.73 -9.99 -0.29
CA THR A 106 -11.80 -10.80 0.25
C THR A 106 -12.22 -10.31 1.64
N TRP A 107 -13.51 -10.11 1.82
CA TRP A 107 -14.11 -9.67 3.07
C TRP A 107 -15.31 -10.57 3.32
N LYS A 108 -15.33 -11.25 4.46
CA LYS A 108 -16.43 -12.13 4.82
C LYS A 108 -16.72 -13.13 3.69
N GLY A 109 -15.66 -13.68 3.12
CA GLY A 109 -15.78 -14.74 2.13
C GLY A 109 -16.08 -14.30 0.72
N LYS A 110 -16.22 -13.00 0.45
CA LYS A 110 -16.58 -12.49 -0.86
C LYS A 110 -15.51 -11.50 -1.32
N MET A 111 -15.23 -11.49 -2.62
CA MET A 111 -14.33 -10.49 -3.17
C MET A 111 -15.09 -9.22 -3.47
N PHE A 112 -14.45 -8.09 -3.19
CA PHE A 112 -15.05 -6.77 -3.38
C PHE A 112 -14.27 -5.85 -4.29
N ALA A 113 -13.18 -6.31 -4.90
CA ALA A 113 -12.42 -5.49 -5.82
C ALA A 113 -11.56 -6.37 -6.69
N TYR A 114 -10.98 -5.74 -7.72
CA TYR A 114 -10.17 -6.38 -8.74
C TYR A 114 -8.72 -6.02 -8.48
N PRO A 115 -7.89 -6.92 -7.95
CA PRO A 115 -6.51 -6.56 -7.58
C PRO A 115 -5.64 -6.47 -8.81
N PHE A 116 -4.61 -5.61 -8.72
CA PHE A 116 -3.67 -5.51 -9.83
C PHE A 116 -2.22 -5.32 -9.46
N ALA A 117 -1.87 -4.88 -8.25
CA ALA A 117 -0.48 -4.66 -7.92
C ALA A 117 -0.22 -5.02 -6.47
N GLU A 118 0.99 -5.51 -6.23
CA GLU A 118 1.47 -5.93 -4.93
C GLU A 118 2.41 -4.85 -4.42
N GLN A 119 2.13 -4.28 -3.25
CA GLN A 119 2.90 -3.14 -2.74
C GLN A 119 3.53 -3.48 -1.39
N ALA A 120 4.85 -3.43 -1.33
CA ALA A 120 5.58 -3.49 -0.08
C ALA A 120 6.71 -2.49 -0.21
N GLN A 121 6.89 -1.67 0.82
CA GLN A 121 8.02 -0.75 0.80
C GLN A 121 9.34 -1.48 0.96
N THR A 122 10.37 -0.84 0.43
CA THR A 122 11.74 -1.30 0.42
C THR A 122 12.64 -0.11 0.71
N ILE A 123 13.91 -0.40 0.95
CA ILE A 123 14.93 0.65 1.00
C ILE A 123 15.36 0.95 -0.44
N TYR A 124 15.27 2.21 -0.84
CA TYR A 124 15.88 2.70 -2.07
C TYR A 124 17.07 3.53 -1.65
N TYR A 125 18.23 3.27 -2.25
CA TYR A 125 19.42 3.97 -1.78
C TYR A 125 20.39 4.25 -2.92
N ASN A 126 21.22 5.26 -2.69
CA ASN A 126 22.25 5.69 -3.61
C ASN A 126 23.50 4.86 -3.33
N LYS A 127 23.83 3.96 -4.25
CA LYS A 127 24.92 3.02 -3.98
C LYS A 127 26.31 3.68 -4.04
N SER A 128 26.41 4.96 -4.42
CA SER A 128 27.67 5.67 -4.25
C SER A 128 27.85 6.20 -2.84
N LYS A 129 26.79 6.18 -2.02
N LYS A 129 26.80 6.15 -2.01
CA LYS A 129 26.82 6.66 -0.64
CA LYS A 129 26.88 6.62 -0.64
C LYS A 129 26.76 5.54 0.39
C LYS A 129 26.80 5.51 0.40
N LEU A 130 26.16 4.40 0.07
CA LEU A 130 25.98 3.27 0.98
C LEU A 130 26.19 1.99 0.20
N THR A 131 26.70 0.97 0.89
CA THR A 131 26.86 -0.35 0.28
C THR A 131 25.68 -1.27 0.61
N ALA A 132 25.63 -2.39 -0.12
CA ALA A 132 24.63 -3.41 0.16
C ALA A 132 24.79 -3.97 1.57
N ASP A 133 26.02 -4.05 2.07
CA ASP A 133 26.18 -4.52 3.44
C ASP A 133 25.70 -3.46 4.44
N ASP A 134 25.94 -2.18 4.15
CA ASP A 134 25.52 -1.12 5.07
C ASP A 134 24.02 -1.16 5.33
N VAL A 135 23.23 -1.49 4.31
CA VAL A 135 21.77 -1.37 4.44
C VAL A 135 21.12 -2.57 5.10
N LYS A 136 21.91 -3.52 5.60
CA LYS A 136 21.31 -4.70 6.21
C LYS A 136 20.73 -4.43 7.58
N THR A 137 21.24 -3.41 8.31
CA THR A 137 20.75 -3.07 9.64
C THR A 137 20.47 -1.59 9.70
N TRP A 138 19.45 -1.24 10.48
CA TRP A 138 19.03 0.15 10.58
C TRP A 138 20.13 1.01 11.21
N ASP A 139 20.72 0.53 12.31
CA ASP A 139 21.74 1.33 12.98
C ASP A 139 22.99 1.44 12.11
N GLY A 140 23.36 0.38 11.40
CA GLY A 140 24.52 0.47 10.53
C GLY A 140 24.30 1.40 9.36
N LEU A 141 23.11 1.35 8.76
CA LEU A 141 22.79 2.24 7.65
C LEU A 141 22.87 3.70 8.11
N THR A 142 22.16 4.01 9.18
CA THR A 142 22.03 5.39 9.61
C THR A 142 23.30 5.93 10.25
N ALA A 143 24.23 5.06 10.65
CA ALA A 143 25.56 5.51 11.06
C ALA A 143 26.41 5.94 9.89
N LYS A 144 26.08 5.52 8.67
CA LYS A 144 26.88 5.75 7.47
C LYS A 144 26.26 6.72 6.50
N GLY A 145 24.96 6.94 6.55
CA GLY A 145 24.32 7.86 5.63
C GLY A 145 22.97 8.26 6.17
N VAL A 146 22.40 9.30 5.56
CA VAL A 146 21.12 9.84 6.01
C VAL A 146 19.97 9.13 5.32
N LEU A 147 19.05 8.62 6.15
CA LEU A 147 17.78 8.06 5.69
C LEU A 147 16.70 9.10 5.93
N ALA A 148 16.00 9.53 4.87
CA ALA A 148 14.95 10.53 4.98
C ALA A 148 13.61 9.82 5.01
N THR A 149 12.75 10.20 5.95
CA THR A 149 11.49 9.51 6.14
C THR A 149 10.51 10.41 6.90
N ASP A 150 9.31 9.87 7.17
CA ASP A 150 8.21 10.66 7.73
C ASP A 150 7.56 9.87 8.86
N PHE A 151 7.80 10.29 10.11
CA PHE A 151 7.20 9.66 11.26
C PHE A 151 5.74 10.06 11.48
N THR A 152 5.21 10.97 10.68
CA THR A 152 3.79 11.31 10.77
C THR A 152 2.92 10.41 9.89
N ASN A 153 3.51 9.49 9.13
CA ASN A 153 2.76 8.60 8.26
C ASN A 153 2.82 7.21 8.90
N ALA A 154 1.70 6.76 9.44
CA ALA A 154 1.67 5.48 10.13
C ALA A 154 1.87 4.28 9.20
N TYR A 155 1.64 4.47 7.90
CA TYR A 155 1.95 3.40 6.95
C TYR A 155 3.44 3.10 6.95
N ASN A 156 4.27 4.11 7.21
CA ASN A 156 5.72 3.88 7.27
C ASN A 156 6.11 3.05 8.49
N PHE A 157 5.61 3.42 9.68
CA PHE A 157 6.20 2.97 10.92
C PHE A 157 5.34 2.10 11.81
N TYR A 158 4.03 2.01 11.60
CA TYR A 158 3.27 1.08 12.44
C TYR A 158 3.84 -0.32 12.39
N PRO A 159 4.35 -0.81 11.25
CA PRO A 159 4.84 -2.20 11.26
C PRO A 159 5.99 -2.47 12.22
N VAL A 160 6.68 -1.46 12.78
CA VAL A 160 7.62 -1.72 13.86
C VAL A 160 6.92 -2.42 15.03
N PHE A 161 5.64 -2.10 15.29
CA PHE A 161 4.89 -2.80 16.33
C PHE A 161 4.75 -4.29 16.01
N LEU A 162 4.66 -4.63 14.73
CA LEU A 162 4.53 -6.01 14.29
C LEU A 162 5.88 -6.72 14.42
N SER A 163 6.97 -6.03 14.10
CA SER A 163 8.31 -6.54 14.40
C SER A 163 8.50 -6.82 15.88
N ALA A 164 7.89 -6.01 16.73
CA ALA A 164 7.95 -6.20 18.18
C ALA A 164 7.14 -7.39 18.67
N GLY A 165 6.34 -8.02 17.82
CA GLY A 165 5.60 -9.21 18.18
C GLY A 165 4.17 -8.97 18.57
N THR A 166 3.61 -7.81 18.28
CA THR A 166 2.20 -7.55 18.54
C THR A 166 1.35 -7.91 17.32
N GLN A 167 0.05 -8.00 17.54
CA GLN A 167 -0.92 -8.30 16.49
C GLN A 167 -1.79 -7.07 16.24
N LEU A 168 -2.22 -6.92 14.99
CA LEU A 168 -3.15 -5.87 14.57
C LEU A 168 -4.45 -6.55 14.16
N TYR A 169 -5.49 -6.36 14.96
CA TYR A 169 -6.78 -7.01 14.72
C TYR A 169 -6.65 -8.53 14.73
N GLY A 170 -5.82 -9.03 15.66
CA GLY A 170 -5.73 -10.46 15.89
C GLY A 170 -4.84 -11.18 14.90
N LYS A 171 -4.78 -12.49 15.09
CA LYS A 171 -3.86 -13.31 14.29
C LYS A 171 -4.16 -13.21 12.81
N THR A 172 -5.43 -12.99 12.47
CA THR A 172 -5.90 -13.00 11.10
C THR A 172 -6.18 -11.60 10.55
N GLY A 173 -6.06 -10.57 11.37
CA GLY A 173 -6.49 -9.24 10.98
C GLY A 173 -7.98 -9.07 10.85
N GLU A 174 -8.77 -9.99 11.43
CA GLU A 174 -10.22 -9.97 11.33
C GLU A 174 -10.91 -9.89 12.67
N THR A 175 -10.17 -9.63 13.75
CA THR A 175 -10.71 -9.68 15.10
C THR A 175 -10.77 -8.25 15.66
N VAL A 176 -11.99 -7.74 15.89
CA VAL A 176 -12.17 -6.34 16.27
C VAL A 176 -11.34 -6.00 17.51
N LYS A 177 -11.35 -6.89 18.51
CA LYS A 177 -10.66 -6.64 19.78
C LYS A 177 -9.27 -7.24 19.84
N GLY A 178 -8.69 -7.59 18.70
CA GLY A 178 -7.49 -8.38 18.66
C GLY A 178 -6.17 -7.63 18.64
N THR A 179 -6.18 -6.30 18.68
CA THR A 179 -4.93 -5.55 18.71
C THR A 179 -4.38 -5.55 20.12
N ASP A 180 -3.13 -6.01 20.30
CA ASP A 180 -2.57 -6.22 21.63
C ASP A 180 -1.30 -5.41 21.86
N VAL A 181 -1.21 -4.24 21.22
CA VAL A 181 -0.03 -3.39 21.26
C VAL A 181 0.12 -2.70 22.62
N ASN A 182 -0.92 -2.73 23.44
CA ASN A 182 -0.89 -2.19 24.78
C ASN A 182 -0.23 -3.19 25.72
N SER A 183 1.09 -3.30 25.56
CA SER A 183 1.86 -4.36 26.20
C SER A 183 3.31 -3.91 26.27
N ALA A 184 4.12 -4.69 26.99
CA ALA A 184 5.56 -4.41 27.00
C ALA A 184 6.15 -4.45 25.61
N LYS A 185 5.68 -5.36 24.75
CA LYS A 185 6.18 -5.39 23.39
C LYS A 185 5.87 -4.09 22.64
N GLY A 186 4.65 -3.57 22.80
CA GLY A 186 4.33 -2.27 22.21
C GLY A 186 5.22 -1.15 22.73
N GLU A 187 5.55 -1.18 24.01
CA GLU A 187 6.44 -0.16 24.56
C GLU A 187 7.84 -0.23 23.94
N GLN A 188 8.32 -1.42 23.57
CA GLN A 188 9.61 -1.53 22.91
C GLN A 188 9.60 -0.80 21.58
N ALA A 189 8.49 -0.91 20.84
CA ALA A 189 8.38 -0.17 19.58
C ALA A 189 8.37 1.34 19.82
N MET A 190 7.60 1.78 20.82
CA MET A 190 7.56 3.21 21.14
C MET A 190 8.96 3.73 21.46
N ALA A 191 9.74 2.95 22.22
CA ALA A 191 11.10 3.35 22.56
C ALA A 191 11.98 3.41 21.32
N TRP A 192 11.78 2.50 20.38
CA TRP A 192 12.55 2.55 19.13
C TRP A 192 12.28 3.85 18.38
N PHE A 193 10.99 4.23 18.25
CA PHE A 193 10.71 5.51 17.59
C PHE A 193 11.45 6.64 18.29
N ALA A 194 11.35 6.67 19.62
CA ALA A 194 11.94 7.76 20.38
C ALA A 194 13.45 7.84 20.16
N GLN A 195 14.12 6.68 20.02
CA GLN A 195 15.56 6.64 19.79
C GLN A 195 15.95 7.30 18.48
N GLN A 196 15.05 7.38 17.52
CA GLN A 196 15.44 7.91 16.22
C GLN A 196 15.55 9.43 16.22
N LYS A 197 14.97 10.11 17.21
CA LYS A 197 15.01 11.58 17.21
C LYS A 197 16.44 12.09 17.33
N SER A 198 17.29 11.38 18.07
CA SER A 198 18.68 11.76 18.26
C SER A 198 19.62 11.03 17.29
N ASN A 199 19.08 10.25 16.35
CA ASN A 199 19.89 9.56 15.36
C ASN A 199 20.19 10.54 14.23
N LYS A 200 21.46 10.96 14.14
CA LYS A 200 21.87 11.94 13.13
C LYS A 200 21.70 11.44 11.71
N GLY A 201 21.52 10.13 11.52
CA GLY A 201 21.28 9.57 10.22
C GLY A 201 19.82 9.41 9.87
N VAL A 202 18.90 9.98 10.64
CA VAL A 202 17.47 9.91 10.36
C VAL A 202 16.95 11.33 10.20
N MET A 203 16.41 11.64 9.03
CA MET A 203 15.90 12.98 8.71
C MET A 203 14.39 12.90 8.53
N GLN A 204 13.66 13.62 9.37
CA GLN A 204 12.23 13.80 9.22
C GLN A 204 11.95 14.79 8.10
N THR A 205 11.10 14.39 7.16
CA THR A 205 10.75 15.24 6.03
C THR A 205 9.40 14.80 5.48
N SER A 206 8.65 15.77 4.98
CA SER A 206 7.41 15.48 4.28
C SER A 206 7.63 15.11 2.82
N ASN A 207 8.87 15.23 2.31
CA ASN A 207 9.17 14.91 0.90
C ASN A 207 10.55 14.25 0.84
N ALA A 208 10.57 12.95 1.15
CA ALA A 208 11.80 12.19 1.15
C ALA A 208 12.40 12.07 -0.25
N LEU A 209 11.54 12.03 -1.26
CA LEU A 209 12.00 11.90 -2.64
C LEU A 209 12.89 13.09 -3.03
N ASN A 210 12.52 14.31 -2.61
CA ASN A 210 13.32 15.51 -2.91
C ASN A 210 14.70 15.43 -2.25
N GLN A 211 14.76 14.87 -1.04
CA GLN A 211 16.05 14.74 -0.36
C GLN A 211 16.95 13.75 -1.08
N LEU A 212 16.36 12.68 -1.59
CA LEU A 212 17.13 11.74 -2.40
C LEU A 212 17.67 12.42 -3.65
N LYS A 213 16.82 13.21 -4.30
CA LYS A 213 17.17 13.91 -5.54
C LYS A 213 18.33 14.89 -5.33
N SER A 214 18.29 15.66 -4.25
CA SER A 214 19.33 16.65 -3.99
C SER A 214 20.61 16.04 -3.45
N GLY A 215 20.59 14.77 -3.08
CA GLY A 215 21.73 14.13 -2.46
C GLY A 215 21.85 14.35 -0.96
N LYS A 216 20.90 15.04 -0.33
CA LYS A 216 20.92 15.21 1.12
C LYS A 216 20.52 13.94 1.86
N ALA A 217 19.84 13.02 1.20
CA ALA A 217 19.56 11.71 1.75
C ALA A 217 20.29 10.67 0.91
N ALA A 218 20.89 9.69 1.59
CA ALA A 218 21.46 8.54 0.90
C ALA A 218 20.46 7.42 0.68
N ALA A 219 19.37 7.39 1.44
CA ALA A 219 18.40 6.31 1.38
C ALA A 219 17.03 6.85 1.79
N ILE A 220 15.98 6.18 1.30
CA ILE A 220 14.61 6.41 1.74
C ILE A 220 13.91 5.06 1.82
N LEU A 221 12.82 5.04 2.59
CA LEU A 221 11.86 3.93 2.52
C LEU A 221 10.74 4.39 1.60
N ASP A 222 10.37 3.58 0.61
CA ASP A 222 9.30 3.98 -0.29
C ASP A 222 8.75 2.74 -0.96
N GLY A 223 7.63 2.91 -1.67
CA GLY A 223 6.98 1.82 -2.34
C GLY A 223 7.12 1.82 -3.84
N PRO A 224 6.62 0.74 -4.48
CA PRO A 224 6.91 0.56 -5.91
C PRO A 224 6.15 1.49 -6.84
N TRP A 225 5.15 2.22 -6.33
CA TRP A 225 4.56 3.30 -7.11
C TRP A 225 5.60 4.36 -7.48
N ASN A 226 6.74 4.38 -6.78
CA ASN A 226 7.84 5.28 -7.09
C ASN A 226 9.06 4.57 -7.67
N SER A 227 8.95 3.30 -8.05
CA SER A 227 10.11 2.56 -8.53
C SER A 227 10.73 3.21 -9.77
N ALA A 228 9.94 3.40 -10.83
CA ALA A 228 10.48 4.03 -12.02
C ALA A 228 10.97 5.45 -11.73
N ASN A 229 10.23 6.18 -10.89
CA ASN A 229 10.65 7.53 -10.52
C ASN A 229 12.02 7.54 -9.88
N ILE A 230 12.28 6.59 -8.97
CA ILE A 230 13.54 6.58 -8.25
C ILE A 230 14.66 6.06 -9.16
N LYS A 231 14.38 5.12 -10.05
CA LYS A 231 15.37 4.71 -11.04
C LYS A 231 15.81 5.90 -11.88
N LYS A 232 14.87 6.78 -12.24
CA LYS A 232 15.22 7.97 -13.00
C LYS A 232 16.07 8.93 -12.16
N ILE A 233 15.70 9.14 -10.90
CA ILE A 233 16.45 10.05 -10.03
C ILE A 233 17.88 9.57 -9.85
N LEU A 234 18.05 8.29 -9.56
CA LEU A 234 19.36 7.77 -9.15
C LEU A 234 20.21 7.27 -10.32
N GLY A 235 19.63 6.96 -11.47
CA GLY A 235 20.43 6.55 -12.60
C GLY A 235 21.32 5.37 -12.26
N LYS A 236 22.61 5.52 -12.59
N LYS A 236 22.61 5.48 -12.59
CA LYS A 236 23.58 4.46 -12.39
CA LYS A 236 23.51 4.36 -12.36
C LYS A 236 23.85 4.17 -10.91
C LYS A 236 23.79 4.13 -10.88
N ASN A 237 23.42 5.05 -10.00
CA ASN A 237 23.57 4.83 -8.58
C ASN A 237 22.34 4.17 -7.95
N PHE A 238 21.36 3.75 -8.75
CA PHE A 238 20.16 3.13 -8.19
C PHE A 238 20.48 1.82 -7.50
N ALA A 239 19.91 1.63 -6.32
CA ALA A 239 19.92 0.34 -5.64
C ALA A 239 18.68 0.21 -4.78
N VAL A 240 18.30 -1.03 -4.51
CA VAL A 240 17.12 -1.33 -3.71
C VAL A 240 17.42 -2.56 -2.86
N ALA A 241 16.83 -2.61 -1.67
CA ALA A 241 17.00 -3.75 -0.77
C ALA A 241 15.74 -3.93 0.04
N PRO A 242 15.45 -5.14 0.52
CA PRO A 242 14.40 -5.29 1.53
C PRO A 242 14.76 -4.49 2.77
N TYR A 243 13.77 -4.29 3.63
CA TYR A 243 13.97 -3.60 4.88
C TYR A 243 15.05 -4.30 5.72
N PRO A 244 15.72 -3.53 6.58
CA PRO A 244 16.83 -4.04 7.40
C PRO A 244 16.30 -4.68 8.68
N THR A 245 17.23 -5.21 9.48
CA THR A 245 16.91 -5.49 10.86
C THR A 245 16.94 -4.21 11.69
N ILE A 246 16.21 -4.26 12.80
CA ILE A 246 16.22 -3.22 13.83
C ILE A 246 16.46 -3.94 15.16
N LYS A 247 16.91 -3.16 16.14
N LYS A 247 16.85 -3.15 16.15
CA LYS A 247 17.12 -3.68 17.48
CA LYS A 247 17.13 -3.68 17.48
C LYS A 247 15.93 -3.28 18.35
C LYS A 247 15.99 -3.28 18.42
N LEU A 248 15.23 -4.27 18.86
CA LEU A 248 14.12 -4.07 19.79
C LEU A 248 14.43 -4.90 21.02
N ASP A 249 14.41 -4.25 22.18
CA ASP A 249 14.76 -4.93 23.42
C ASP A 249 16.10 -5.65 23.27
N GLY A 250 17.06 -4.98 22.62
CA GLY A 250 18.40 -5.52 22.47
C GLY A 250 18.56 -6.69 21.50
N LYS A 251 17.53 -7.06 20.75
CA LYS A 251 17.57 -8.18 19.83
C LYS A 251 17.37 -7.67 18.40
N ASP A 252 18.15 -8.21 17.45
CA ASP A 252 17.95 -7.90 16.05
C ASP A 252 16.75 -8.66 15.52
N VAL A 253 15.80 -7.94 14.93
CA VAL A 253 14.62 -8.55 14.31
C VAL A 253 14.37 -7.84 12.99
N GLN A 254 13.74 -8.52 12.03
N GLN A 254 13.66 -8.51 12.09
CA GLN A 254 13.48 -7.84 10.77
CA GLN A 254 13.37 -7.91 10.80
C GLN A 254 12.47 -6.73 11.02
C GLN A 254 12.39 -6.75 10.97
N MET A 255 12.74 -5.57 10.44
CA MET A 255 11.78 -4.46 10.40
C MET A 255 10.76 -4.79 9.32
N GLN A 256 9.48 -4.81 9.69
CA GLN A 256 8.41 -5.09 8.75
C GLN A 256 7.98 -3.84 7.99
N ALA A 257 7.35 -4.08 6.83
CA ALA A 257 6.48 -3.13 6.16
C ALA A 257 5.08 -3.72 6.13
N PHE A 258 4.08 -2.88 5.80
CA PHE A 258 2.80 -3.44 5.38
C PHE A 258 2.92 -4.06 3.98
N LEU A 259 2.13 -5.09 3.73
CA LEU A 259 1.89 -5.58 2.37
C LEU A 259 0.50 -5.06 2.00
N GLY A 260 0.43 -4.30 0.93
CA GLY A 260 -0.83 -3.80 0.41
C GLY A 260 -1.12 -4.37 -0.96
N ILE A 261 -2.39 -4.49 -1.28
CA ILE A 261 -2.83 -4.89 -2.62
C ILE A 261 -3.59 -3.70 -3.20
N GLU A 262 -3.13 -3.20 -4.33
CA GLU A 262 -3.82 -2.11 -5.02
C GLU A 262 -4.88 -2.74 -5.93
N THR A 263 -6.04 -2.07 -5.99
CA THR A 263 -7.21 -2.63 -6.64
C THR A 263 -7.97 -1.54 -7.40
N PHE A 264 -8.88 -1.99 -8.27
CA PHE A 264 -9.98 -1.19 -8.74
C PHE A 264 -11.27 -1.79 -8.23
N ALA A 265 -12.19 -0.93 -7.79
CA ALA A 265 -13.51 -1.34 -7.37
C ALA A 265 -14.56 -0.66 -8.23
N VAL A 266 -15.73 -1.30 -8.26
CA VAL A 266 -16.89 -0.83 -9.01
C VAL A 266 -17.88 -0.19 -8.04
N ASN A 267 -18.27 1.05 -8.33
CA ASN A 267 -19.23 1.77 -7.54
C ASN A 267 -20.58 1.09 -7.62
N SER A 268 -21.18 0.77 -6.46
CA SER A 268 -22.48 0.11 -6.46
C SER A 268 -23.60 0.96 -7.04
N HIS A 269 -23.38 2.25 -7.24
N HIS A 269 -23.40 2.27 -7.22
CA HIS A 269 -24.44 3.09 -7.78
CA HIS A 269 -24.46 3.09 -7.80
C HIS A 269 -24.68 2.86 -9.27
C HIS A 269 -24.72 2.75 -9.26
N ALA A 270 -23.70 2.35 -10.01
CA ALA A 270 -23.92 2.11 -11.44
C ALA A 270 -24.95 1.00 -11.63
N SER A 271 -25.74 1.11 -12.68
CA SER A 271 -26.81 0.15 -12.91
C SER A 271 -26.91 -0.17 -14.39
N GLY A 272 -27.69 -1.20 -14.71
CA GLY A 272 -27.99 -1.51 -16.10
C GLY A 272 -26.73 -1.73 -16.90
N SER A 273 -26.71 -1.22 -18.13
N SER A 273 -26.74 -1.22 -18.14
CA SER A 273 -25.56 -1.50 -18.99
CA SER A 273 -25.62 -1.36 -19.05
C SER A 273 -24.31 -0.76 -18.53
C SER A 273 -24.36 -0.80 -18.44
N ASN A 274 -24.46 0.37 -17.82
CA ASN A 274 -23.28 1.03 -17.26
C ASN A 274 -22.61 0.18 -16.19
N GLN A 275 -23.40 -0.55 -15.38
CA GLN A 275 -22.83 -1.46 -14.39
C GLN A 275 -22.03 -2.57 -15.07
N LYS A 276 -22.61 -3.18 -16.12
N LYS A 276 -22.62 -3.18 -16.11
CA LYS A 276 -21.89 -4.23 -16.82
CA LYS A 276 -21.91 -4.22 -16.84
C LYS A 276 -20.64 -3.68 -17.50
C LYS A 276 -20.64 -3.66 -17.47
N ALA A 277 -20.73 -2.47 -18.05
CA ALA A 277 -19.56 -1.84 -18.65
C ALA A 277 -18.48 -1.58 -17.60
N ALA A 278 -18.88 -1.11 -16.42
CA ALA A 278 -17.92 -0.82 -15.36
C ALA A 278 -17.20 -2.08 -14.90
N ALA A 279 -17.94 -3.17 -14.69
CA ALA A 279 -17.33 -4.43 -14.28
C ALA A 279 -16.39 -4.96 -15.35
N THR A 280 -16.80 -4.82 -16.62
CA THR A 280 -15.95 -5.26 -17.73
C THR A 280 -14.67 -4.44 -17.76
N LEU A 281 -14.78 -3.12 -17.59
CA LEU A 281 -13.60 -2.27 -17.55
C LEU A 281 -12.68 -2.65 -16.39
N ALA A 282 -13.24 -2.84 -15.19
CA ALA A 282 -12.41 -3.15 -14.03
C ALA A 282 -11.64 -4.46 -14.25
N SER A 283 -12.31 -5.45 -14.83
CA SER A 283 -11.66 -6.71 -15.17
C SER A 283 -10.55 -6.50 -16.20
N PHE A 284 -10.79 -5.70 -17.23
CA PHE A 284 -9.81 -5.53 -18.29
C PHE A 284 -8.59 -4.76 -17.79
N ILE A 285 -8.80 -3.66 -17.07
CA ILE A 285 -7.67 -2.81 -16.68
C ILE A 285 -6.83 -3.45 -15.60
N THR A 286 -7.29 -4.56 -15.02
CA THR A 286 -6.52 -5.34 -14.06
C THR A 286 -6.07 -6.68 -14.64
N ASN A 287 -6.21 -6.88 -15.96
CA ASN A 287 -5.74 -8.12 -16.59
C ASN A 287 -4.23 -8.12 -16.76
N LYS A 288 -3.70 -9.24 -17.25
CA LYS A 288 -2.25 -9.41 -17.30
C LYS A 288 -1.59 -8.35 -18.17
N GLU A 289 -2.12 -8.13 -19.38
CA GLU A 289 -1.52 -7.15 -20.27
C GLU A 289 -1.50 -5.77 -19.63
N SER A 290 -2.62 -5.39 -19.01
CA SER A 290 -2.72 -4.08 -18.39
C SER A 290 -1.77 -3.97 -17.20
N GLN A 291 -1.66 -5.02 -16.38
CA GLN A 291 -0.71 -5.00 -15.27
C GLN A 291 0.71 -4.78 -15.77
N LEU A 292 1.05 -5.39 -16.92
CA LEU A 292 2.39 -5.23 -17.45
C LEU A 292 2.62 -3.82 -18.01
N ILE A 293 1.59 -3.19 -18.55
CA ILE A 293 1.69 -1.79 -18.96
C ILE A 293 1.93 -0.89 -17.75
N VAL A 294 1.21 -1.14 -16.66
CA VAL A 294 1.44 -0.39 -15.43
C VAL A 294 2.88 -0.59 -14.97
N TYR A 295 3.36 -1.84 -14.97
CA TYR A 295 4.74 -2.14 -14.61
C TYR A 295 5.71 -1.35 -15.49
N ASP A 296 5.49 -1.37 -16.80
CA ASP A 296 6.43 -0.72 -17.71
C ASP A 296 6.57 0.77 -17.41
N HIS A 297 5.49 1.43 -17.04
CA HIS A 297 5.49 2.87 -16.81
C HIS A 297 5.90 3.27 -15.40
N SER A 298 5.50 2.54 -14.39
CA SER A 298 5.70 2.96 -13.01
C SER A 298 6.63 2.06 -12.23
N GLY A 299 6.80 0.82 -12.65
CA GLY A 299 7.54 -0.17 -11.88
C GLY A 299 6.70 -0.90 -10.85
N GLN A 300 5.40 -0.65 -10.76
CA GLN A 300 4.59 -1.40 -9.82
C GLN A 300 4.59 -2.88 -10.18
N ILE A 301 4.49 -3.71 -9.16
CA ILE A 301 4.68 -5.16 -9.29
C ILE A 301 3.33 -5.83 -9.56
N PRO A 302 3.19 -6.53 -10.68
CA PRO A 302 1.94 -7.24 -10.95
C PRO A 302 1.61 -8.27 -9.89
N VAL A 303 0.31 -8.52 -9.71
CA VAL A 303 -0.16 -9.70 -8.97
C VAL A 303 -0.46 -10.89 -9.86
N ASP A 304 -0.53 -10.70 -11.17
CA ASP A 304 -0.81 -11.81 -12.07
C ASP A 304 0.34 -12.81 -11.97
N LYS A 305 -0.01 -14.09 -11.84
CA LYS A 305 1.00 -15.12 -11.58
C LYS A 305 2.00 -15.19 -12.72
N THR A 306 1.49 -15.15 -13.95
CA THR A 306 2.34 -15.26 -15.12
C THR A 306 3.20 -14.02 -15.29
N ALA A 307 2.62 -12.84 -15.09
CA ALA A 307 3.37 -11.60 -15.21
C ALA A 307 4.54 -11.56 -14.23
N GLN A 308 4.35 -12.05 -12.99
CA GLN A 308 5.45 -12.01 -12.03
C GLN A 308 6.64 -12.83 -12.49
N LYS A 309 6.40 -13.86 -13.29
CA LYS A 309 7.46 -14.75 -13.74
C LYS A 309 8.07 -14.32 -15.05
N SER A 310 7.50 -13.32 -15.71
CA SER A 310 8.06 -12.84 -16.96
C SER A 310 9.49 -12.37 -16.74
N SER A 311 10.28 -12.39 -17.82
CA SER A 311 11.69 -12.12 -17.64
C SER A 311 11.95 -10.67 -17.25
N LYS A 312 11.18 -9.71 -17.76
CA LYS A 312 11.46 -8.32 -17.37
C LYS A 312 11.16 -8.11 -15.89
N VAL A 313 10.06 -8.69 -15.39
CA VAL A 313 9.72 -8.52 -13.98
C VAL A 313 10.69 -9.29 -13.11
N ALA A 314 10.97 -10.54 -13.48
CA ALA A 314 11.83 -11.41 -12.68
C ALA A 314 13.24 -10.85 -12.55
N SER A 315 13.70 -10.11 -13.55
CA SER A 315 15.05 -9.57 -13.50
C SER A 315 15.12 -8.17 -12.89
N ASP A 316 13.99 -7.63 -12.47
CA ASP A 316 13.97 -6.31 -11.86
C ASP A 316 14.32 -6.42 -10.38
N PRO A 317 15.39 -5.76 -9.90
CA PRO A 317 15.72 -5.88 -8.47
C PRO A 317 14.60 -5.42 -7.55
N VAL A 318 13.77 -4.45 -7.98
CA VAL A 318 12.65 -4.04 -7.15
C VAL A 318 11.66 -5.18 -6.96
N ALA A 319 11.37 -5.92 -8.04
CA ALA A 319 10.46 -7.04 -7.89
C ALA A 319 11.01 -8.07 -6.91
N GLY A 320 12.32 -8.35 -6.98
CA GLY A 320 12.89 -9.30 -6.06
C GLY A 320 12.77 -8.84 -4.62
N ALA A 321 13.04 -7.55 -4.39
CA ALA A 321 12.96 -7.02 -3.02
C ALA A 321 11.52 -7.02 -2.51
N VAL A 322 10.55 -6.71 -3.37
CA VAL A 322 9.15 -6.77 -2.96
C VAL A 322 8.71 -8.19 -2.65
N MET A 323 9.07 -9.16 -3.52
N MET A 323 9.13 -9.15 -3.45
CA MET A 323 8.82 -10.57 -3.26
CA MET A 323 8.72 -10.52 -3.18
C MET A 323 9.35 -10.96 -1.88
C MET A 323 9.40 -11.08 -1.93
N THR A 324 10.60 -10.58 -1.58
CA THR A 324 11.16 -10.88 -0.27
C THR A 324 10.31 -10.25 0.82
N MET A 325 9.94 -8.97 0.65
CA MET A 325 9.17 -8.30 1.68
C MET A 325 7.83 -8.96 1.91
N ALA A 326 7.24 -9.57 0.88
CA ALA A 326 5.95 -10.25 1.00
C ALA A 326 6.03 -11.59 1.75
N LYS A 327 7.22 -12.11 2.04
CA LYS A 327 7.35 -13.36 2.78
C LYS A 327 6.90 -13.17 4.23
N PRO A 328 6.40 -14.25 4.84
CA PRO A 328 6.11 -14.21 6.27
C PRO A 328 7.29 -13.71 7.07
N GLY A 329 7.00 -12.86 8.06
CA GLY A 329 7.99 -12.27 8.90
C GLY A 329 8.49 -10.95 8.40
N ASN A 330 8.43 -10.70 7.10
CA ASN A 330 8.96 -9.47 6.53
C ASN A 330 7.90 -8.40 6.30
N SER A 331 6.62 -8.79 6.28
CA SER A 331 5.52 -7.86 6.15
C SER A 331 4.28 -8.50 6.72
N THR A 332 3.24 -7.67 6.88
CA THR A 332 1.91 -8.09 7.26
C THR A 332 0.92 -7.48 6.28
N LEU A 333 0.03 -8.31 5.74
CA LEU A 333 -1.04 -7.80 4.88
C LEU A 333 -1.85 -6.77 5.65
N MET A 334 -2.14 -5.64 5.02
CA MET A 334 -2.95 -4.63 5.70
C MET A 334 -4.33 -5.22 6.00
N PRO A 335 -4.80 -5.18 7.25
CA PRO A 335 -6.19 -5.51 7.52
C PRO A 335 -7.14 -4.57 6.79
N LYS A 336 -8.38 -5.01 6.68
CA LYS A 336 -9.41 -4.23 5.99
C LYS A 336 -10.65 -4.02 6.85
N MET A 337 -10.51 -4.16 8.16
CA MET A 337 -11.59 -3.94 9.11
C MET A 337 -12.21 -2.57 8.87
N PRO A 338 -13.51 -2.43 9.15
CA PRO A 338 -14.13 -1.10 9.02
C PRO A 338 -13.49 -0.05 9.89
N GLN A 339 -12.83 -0.45 10.98
CA GLN A 339 -12.14 0.42 11.91
C GLN A 339 -10.83 0.99 11.36
N MET A 340 -10.38 0.54 10.18
CA MET A 340 -9.06 0.97 9.69
C MET A 340 -8.94 2.48 9.55
N ALA A 341 -9.98 3.20 9.14
CA ALA A 341 -9.78 4.65 8.99
C ALA A 341 -9.45 5.30 10.34
N THR A 342 -10.11 4.84 11.40
CA THR A 342 -9.82 5.32 12.75
C THR A 342 -8.41 4.90 13.16
N PHE A 343 -8.03 3.66 12.87
CA PHE A 343 -6.68 3.19 13.11
C PHE A 343 -5.63 4.13 12.50
N TRP A 344 -5.75 4.46 11.21
CA TRP A 344 -4.72 5.30 10.60
C TRP A 344 -4.68 6.66 11.26
N ASN A 345 -5.84 7.23 11.53
N ASN A 345 -5.84 7.24 11.57
CA ASN A 345 -5.89 8.56 12.14
CA ASN A 345 -5.89 8.58 12.13
C ASN A 345 -5.21 8.56 13.50
C ASN A 345 -5.31 8.62 13.54
N ASP A 346 -5.48 7.55 14.31
CA ASP A 346 -4.96 7.51 15.67
C ASP A 346 -3.53 7.00 15.75
N ALA A 347 -3.09 6.19 14.79
CA ALA A 347 -1.76 5.64 14.86
C ALA A 347 -0.70 6.69 14.58
N ALA A 348 -0.98 7.66 13.72
CA ALA A 348 0.03 8.65 13.36
C ALA A 348 0.45 9.49 14.56
N PRO A 349 -0.46 10.04 15.38
CA PRO A 349 0.01 10.79 16.55
C PRO A 349 0.67 9.93 17.60
N LEU A 350 0.28 8.66 17.70
CA LEU A 350 0.91 7.73 18.63
C LEU A 350 2.39 7.60 18.30
N ILE A 351 2.69 7.30 17.03
CA ILE A 351 4.05 7.08 16.58
C ILE A 351 4.84 8.38 16.60
N ASN A 352 4.28 9.43 16.01
CA ASN A 352 5.02 10.67 15.94
C ASN A 352 5.24 11.25 17.33
N GLY A 353 4.29 11.08 18.24
CA GLY A 353 4.49 11.54 19.60
C GLY A 353 5.63 10.83 20.31
N ALA A 354 5.75 9.52 20.08
CA ALA A 354 6.91 8.80 20.62
C ALA A 354 8.22 9.32 20.03
N TYR A 355 8.24 9.52 18.70
CA TYR A 355 9.42 10.02 18.00
C TYR A 355 9.85 11.38 18.53
N THR A 356 8.90 12.33 18.60
CA THR A 356 9.31 13.69 18.99
C THR A 356 9.56 13.81 20.49
N GLY A 357 9.05 12.88 21.29
CA GLY A 357 9.08 13.03 22.73
C GLY A 357 7.89 13.75 23.33
N SER A 358 6.92 14.16 22.51
CA SER A 358 5.67 14.69 23.02
C SER A 358 4.97 13.67 23.91
N ILE A 359 5.12 12.39 23.60
CA ILE A 359 4.75 11.29 24.47
C ILE A 359 6.04 10.80 25.11
N PRO A 360 6.27 11.05 26.39
CA PRO A 360 7.46 10.52 27.07
C PRO A 360 7.26 9.05 27.43
N ALA A 361 8.36 8.40 27.76
CA ALA A 361 8.32 6.97 28.09
C ALA A 361 7.37 6.67 29.24
N SER A 362 7.26 7.60 30.21
CA SER A 362 6.36 7.41 31.34
C SER A 362 4.90 7.34 30.92
N GLN A 363 4.57 7.73 29.69
CA GLN A 363 3.20 7.68 29.18
C GLN A 363 2.98 6.60 28.13
N TYR A 364 3.98 5.80 27.77
CA TYR A 364 3.76 4.84 26.69
C TYR A 364 2.62 3.89 27.02
N SER A 365 2.58 3.37 28.23
CA SER A 365 1.58 2.37 28.56
C SER A 365 0.18 2.95 28.48
N THR A 366 -0.04 4.15 29.02
N THR A 366 -0.02 4.15 29.04
CA THR A 366 -1.39 4.71 28.98
CA THR A 366 -1.32 4.80 28.99
C THR A 366 -1.78 5.14 27.57
C THR A 366 -1.74 5.07 27.56
N LYS A 367 -0.83 5.64 26.77
CA LYS A 367 -1.18 6.01 25.41
C LYS A 367 -1.51 4.78 24.57
N LEU A 368 -0.78 3.67 24.78
CA LEU A 368 -1.08 2.44 24.04
C LEU A 368 -2.43 1.88 24.45
N ASP A 369 -2.78 1.94 25.76
CA ASP A 369 -4.08 1.48 26.22
C ASP A 369 -5.19 2.29 25.54
N THR A 370 -5.04 3.61 25.52
CA THR A 370 -6.07 4.47 24.94
C THR A 370 -6.20 4.21 23.45
N PHE A 371 -5.07 4.04 22.76
CA PHE A 371 -5.08 3.70 21.34
C PHE A 371 -5.89 2.44 21.08
N VAL A 372 -5.61 1.36 21.83
CA VAL A 372 -6.33 0.11 21.58
C VAL A 372 -7.84 0.30 21.81
N LYS A 373 -8.22 1.03 22.86
CA LYS A 373 -9.64 1.30 23.06
C LYS A 373 -10.22 2.06 21.88
N ASN A 374 -9.49 3.05 21.38
CA ASN A 374 -9.99 3.91 20.30
C ASN A 374 -10.23 3.13 19.00
N ILE A 375 -9.40 2.13 18.70
CA ILE A 375 -9.45 1.47 17.39
C ILE A 375 -10.24 0.17 17.42
N SER A 376 -10.82 -0.20 18.57
CA SER A 376 -11.45 -1.50 18.75
C SER A 376 -12.94 -1.42 18.97
N LYS A 377 -13.59 -0.35 18.53
CA LYS A 377 -15.02 -0.15 18.76
C LYS A 377 -15.83 -0.80 17.67
N ALA A 378 -16.97 -1.36 18.06
CA ALA A 378 -17.87 -2.08 17.17
C ALA A 378 -18.23 -1.27 15.93
#